data_7A4S
#
_entry.id   7A4S
#
_cell.length_a   85.086
_cell.length_b   85.086
_cell.length_c   128.943
_cell.angle_alpha   90.000
_cell.angle_beta   90.000
_cell.angle_gamma   90.000
#
_symmetry.space_group_name_H-M   'P 43 21 2'
#
loop_
_entity.id
_entity.type
_entity.pdbx_description
1 polymer 'Dual specificity tyrosine-phosphorylation-regulated kinase 1A'
2 non-polymer 7-chlorothieno[3,2-c]pyridin-4-amine
3 water water
#
_entity_poly.entity_id   1
_entity_poly.type   'polypeptide(L)'
_entity_poly.pdbx_seq_one_letter_code
;MGSSHHHHHHSSGLVPRG(SEP)HMIVKNGEKWMDRYEIDSLIGKGSFGQVVKAYDRVEQEWVAIKIIKNKKAFLNQAQI
EVRLLELMNKHDTEMKYYIVHLKRHFMFRNHLCLVFEMLSYNLYDLLRNTNFRGVSLNLTRKFAQQMCTALLFLATPELS
IIHCDLKPENILLCNPKRSAIKIVDFGSSCQLGQRIYQ(PTR)IQSRFYRSPEVLLGMPYDLAIDMWSLGCILVEMHTGE
PLFSGANEVDQMNKIVEVLGIPPAHILDQAPKARKFFEKLPDGTWNLKKTKDGKREYKPPGTRKLHNILGVETGGPGGRR
AGESGHTVADYLKFKDLILRMLDYDPKTRIQPYYALQHSFFKKTADE
;
_entity_poly.pdbx_strand_id   A
#
loop_
_chem_comp.id
_chem_comp.type
_chem_comp.name
_chem_comp.formula
QYE non-polymer 7-chlorothieno[3,2-c]pyridin-4-amine 'C7 H5 Cl N2 S'
#
# COMPACT_ATOMS: atom_id res chain seq x y z
N VAL A 23 -2.06 6.04 31.03
CA VAL A 23 -2.20 7.47 30.58
C VAL A 23 -3.71 7.83 30.55
N LYS A 24 -4.10 8.98 31.13
CA LYS A 24 -5.53 9.42 31.31
C LYS A 24 -5.68 10.89 30.89
N ASN A 25 -6.92 11.31 30.56
CA ASN A 25 -7.27 12.71 30.19
C ASN A 25 -6.80 13.66 31.30
N GLY A 26 -6.18 14.78 30.91
CA GLY A 26 -5.73 15.85 31.84
C GLY A 26 -4.22 15.94 31.90
N GLU A 27 -3.55 14.78 32.06
CA GLU A 27 -2.07 14.60 32.26
C GLU A 27 -1.24 15.70 31.57
N LYS A 28 -0.36 16.38 32.32
CA LYS A 28 0.62 17.36 31.77
C LYS A 28 2.00 16.70 31.71
N TRP A 29 2.70 16.76 30.57
CA TRP A 29 4.07 16.19 30.38
C TRP A 29 5.10 17.32 30.25
N MET A 30 6.07 17.37 31.17
CA MET A 30 7.23 18.29 31.15
C MET A 30 6.85 19.68 30.59
N ASP A 31 5.86 20.31 31.22
CA ASP A 31 5.46 21.73 31.00
C ASP A 31 5.23 22.03 29.50
N ARG A 32 4.74 21.11 28.66
CA ARG A 32 4.60 21.40 27.20
C ARG A 32 3.37 20.74 26.56
N TYR A 33 3.08 19.47 26.84
CA TYR A 33 2.05 18.66 26.12
C TYR A 33 0.90 18.30 27.06
N GLU A 34 -0.35 18.56 26.68
CA GLU A 34 -1.54 18.25 27.49
C GLU A 34 -2.42 17.20 26.75
N ILE A 35 -2.39 15.94 27.21
CA ILE A 35 -3.07 14.75 26.61
C ILE A 35 -4.58 14.97 26.58
N ASP A 36 -5.24 14.64 25.46
CA ASP A 36 -6.73 14.72 25.31
C ASP A 36 -7.33 13.31 25.28
N SER A 37 -6.93 12.44 24.34
CA SER A 37 -7.64 11.15 24.09
C SER A 37 -6.82 10.23 23.18
N LEU A 38 -7.28 8.98 23.06
CA LEU A 38 -6.66 7.90 22.24
C LEU A 38 -7.23 7.98 20.82
N ILE A 39 -6.39 8.12 19.80
CA ILE A 39 -6.83 8.08 18.38
C ILE A 39 -6.84 6.62 17.94
N GLY A 40 -5.71 5.93 18.10
CA GLY A 40 -5.48 4.59 17.54
C GLY A 40 -4.59 3.75 18.42
N LYS A 41 -4.82 2.42 18.41
CA LYS A 41 -3.96 1.37 19.00
C LYS A 41 -2.98 0.89 17.92
N GLY A 42 -2.35 -0.27 18.12
CA GLY A 42 -1.42 -0.86 17.15
C GLY A 42 -0.68 -2.06 17.72
N SER A 43 0.32 -2.55 16.99
CA SER A 43 1.22 -3.64 17.43
C SER A 43 2.44 -3.04 18.13
N PHE A 44 2.76 -1.78 17.79
CA PHE A 44 3.91 -0.97 18.29
C PHE A 44 3.52 -0.29 19.59
N GLY A 45 2.25 0.11 19.75
CA GLY A 45 1.74 0.72 20.99
C GLY A 45 0.52 1.60 20.77
N GLN A 46 0.58 2.86 21.20
CA GLN A 46 -0.59 3.78 21.19
C GLN A 46 -0.23 5.10 20.53
N VAL A 47 -1.25 5.73 19.96
CA VAL A 47 -1.22 7.10 19.37
C VAL A 47 -2.24 7.96 20.13
N VAL A 48 -1.95 9.24 20.35
CA VAL A 48 -2.82 10.14 21.18
C VAL A 48 -2.88 11.56 20.61
N LYS A 49 -3.94 12.24 21.02
CA LYS A 49 -4.32 13.61 20.65
C LYS A 49 -3.92 14.55 21.78
N ALA A 50 -2.89 15.37 21.60
CA ALA A 50 -2.35 16.30 22.64
C ALA A 50 -2.15 17.73 22.09
N TYR A 51 -2.15 18.73 22.99
CA TYR A 51 -2.02 20.17 22.67
C TYR A 51 -0.62 20.66 23.08
N ASP A 52 0.11 21.22 22.11
CA ASP A 52 1.47 21.79 22.32
C ASP A 52 1.30 23.27 22.65
N ARG A 53 2.02 23.77 23.66
CA ARG A 53 1.82 25.15 24.18
C ARG A 53 2.90 26.08 23.66
N VAL A 54 3.96 25.56 23.05
CA VAL A 54 5.04 26.43 22.50
C VAL A 54 4.63 26.81 21.08
N GLU A 55 4.27 25.84 20.25
CA GLU A 55 3.83 26.10 18.86
C GLU A 55 2.35 26.47 18.87
N GLN A 56 1.63 26.14 19.94
CA GLN A 56 0.18 26.45 20.08
C GLN A 56 -0.59 25.88 18.88
N GLU A 57 -0.67 24.55 18.82
CA GLU A 57 -1.33 23.76 17.75
C GLU A 57 -1.55 22.34 18.25
N TRP A 58 -2.51 21.63 17.70
CA TRP A 58 -2.77 20.22 18.09
C TRP A 58 -1.82 19.29 17.32
N VAL A 59 -1.29 18.28 17.98
CA VAL A 59 -0.37 17.29 17.37
C VAL A 59 -0.83 15.87 17.74
N ALA A 60 -0.30 14.87 17.04
CA ALA A 60 -0.53 13.42 17.29
C ALA A 60 0.76 12.79 17.81
N ILE A 61 0.71 12.11 18.95
CA ILE A 61 1.90 11.48 19.58
C ILE A 61 1.73 9.96 19.52
N LYS A 62 2.70 9.27 18.91
CA LYS A 62 2.82 7.78 18.84
C LYS A 62 3.79 7.27 19.92
N ILE A 63 3.31 6.48 20.89
CA ILE A 63 4.13 5.94 22.02
C ILE A 63 4.42 4.45 21.80
N ILE A 64 5.70 4.06 21.82
CA ILE A 64 6.22 2.66 21.63
C ILE A 64 6.06 1.89 22.95
N LYS A 65 5.72 0.58 22.93
CA LYS A 65 5.58 -0.32 24.12
C LYS A 65 6.98 -0.49 24.75
N ASN A 66 7.09 -0.63 26.09
CA ASN A 66 8.37 -0.63 26.85
C ASN A 66 9.03 -2.04 26.85
N LYS A 67 9.57 -2.49 25.72
CA LYS A 67 10.34 -3.77 25.59
C LYS A 67 11.52 -3.57 24.62
N LYS A 68 12.48 -4.50 24.68
CA LYS A 68 13.78 -4.40 23.97
C LYS A 68 13.58 -4.55 22.45
N ALA A 69 12.36 -4.90 22.01
CA ALA A 69 12.06 -5.48 20.68
C ALA A 69 11.49 -4.42 19.73
N PHE A 70 10.42 -3.75 20.18
CA PHE A 70 9.71 -2.69 19.43
C PHE A 70 10.65 -1.48 19.26
N LEU A 71 11.40 -1.15 20.33
CA LEU A 71 12.36 -0.02 20.41
C LEU A 71 13.33 -0.06 19.21
N ASN A 72 14.05 -1.17 19.05
CA ASN A 72 15.12 -1.31 18.02
C ASN A 72 14.55 -1.01 16.64
N GLN A 73 13.35 -1.53 16.34
CA GLN A 73 12.68 -1.25 15.04
C GLN A 73 12.36 0.26 15.00
N ALA A 74 11.70 0.80 16.04
CA ALA A 74 11.32 2.23 16.14
C ALA A 74 12.52 3.12 15.78
N GLN A 75 13.70 2.83 16.36
CA GLN A 75 14.95 3.60 16.15
C GLN A 75 15.29 3.68 14.66
N ILE A 76 14.97 2.62 13.92
CA ILE A 76 15.16 2.57 12.45
C ILE A 76 14.12 3.48 11.78
N GLU A 77 12.86 3.40 12.24
CA GLU A 77 11.71 4.19 11.71
C GLU A 77 12.10 5.69 11.74
N VAL A 78 12.61 6.14 12.89
CA VAL A 78 13.07 7.54 13.16
C VAL A 78 14.22 7.91 12.20
N ARG A 79 15.23 7.05 12.07
CA ARG A 79 16.41 7.38 11.22
C ARG A 79 15.87 7.63 9.80
N LEU A 80 15.00 6.74 9.31
CA LEU A 80 14.50 6.76 7.90
C LEU A 80 13.67 8.02 7.65
N LEU A 81 12.88 8.44 8.64
CA LEU A 81 12.06 9.69 8.55
C LEU A 81 12.98 10.93 8.45
N GLU A 82 13.93 11.10 9.40
CA GLU A 82 14.91 12.24 9.50
C GLU A 82 15.67 12.38 8.17
N LEU A 83 16.22 11.27 7.66
CA LEU A 83 16.93 11.16 6.36
C LEU A 83 16.10 11.83 5.26
N MET A 84 14.77 11.72 5.34
CA MET A 84 13.82 12.25 4.32
C MET A 84 13.63 13.76 4.52
N ASN A 85 13.61 14.27 5.77
CA ASN A 85 13.40 15.70 6.12
C ASN A 85 14.52 16.56 5.53
N LYS A 86 15.74 16.01 5.36
CA LYS A 86 16.94 16.68 4.81
C LYS A 86 16.77 17.09 3.33
N HIS A 87 16.01 16.40 2.50
CA HIS A 87 15.79 16.80 1.07
C HIS A 87 14.65 17.81 1.02
N ASP A 88 14.70 18.78 0.10
CA ASP A 88 13.59 19.78 -0.01
C ASP A 88 13.22 19.96 -1.48
N THR A 89 12.66 18.92 -2.06
CA THR A 89 12.16 18.88 -3.46
C THR A 89 10.66 19.17 -3.45
N GLU A 90 10.07 19.30 -4.64
CA GLU A 90 8.62 19.53 -4.85
C GLU A 90 7.86 18.20 -4.78
N MET A 91 8.50 17.10 -4.35
CA MET A 91 7.87 15.76 -4.43
C MET A 91 7.77 15.10 -3.05
N LYS A 92 8.24 15.77 -2.00
CA LYS A 92 8.34 15.16 -0.65
C LYS A 92 7.08 15.49 0.16
N TYR A 93 6.04 16.05 -0.48
CA TYR A 93 4.88 16.65 0.23
C TYR A 93 3.70 15.69 0.18
N TYR A 94 3.96 14.41 -0.08
CA TYR A 94 2.94 13.35 -0.05
C TYR A 94 3.24 12.38 1.10
N ILE A 95 4.08 12.79 2.05
CA ILE A 95 4.55 11.93 3.18
C ILE A 95 4.30 12.70 4.47
N VAL A 96 3.81 12.02 5.52
CA VAL A 96 3.49 12.63 6.84
C VAL A 96 4.76 13.31 7.35
N HIS A 97 4.60 14.47 8.00
CA HIS A 97 5.74 15.26 8.52
C HIS A 97 5.97 14.92 9.99
N LEU A 98 7.22 14.53 10.28
CA LEU A 98 7.71 14.24 11.64
C LEU A 98 8.28 15.53 12.22
N LYS A 99 7.85 15.92 13.41
CA LYS A 99 8.31 17.20 14.00
C LYS A 99 9.46 16.92 14.97
N ARG A 100 9.25 16.06 15.97
CA ARG A 100 10.20 15.86 17.08
C ARG A 100 10.16 14.42 17.57
N HIS A 101 11.13 14.06 18.43
CA HIS A 101 11.22 12.77 19.16
C HIS A 101 12.01 12.98 20.44
N PHE A 102 11.74 12.17 21.45
CA PHE A 102 12.30 12.29 22.83
C PHE A 102 11.88 11.07 23.66
N MET A 103 12.48 10.91 24.86
CA MET A 103 12.34 9.70 25.70
C MET A 103 11.74 10.13 27.05
N PHE A 104 10.81 9.36 27.60
CA PHE A 104 10.00 9.77 28.77
C PHE A 104 9.41 8.54 29.47
N ARG A 105 9.72 8.34 30.75
CA ARG A 105 9.25 7.17 31.56
C ARG A 105 9.70 5.87 30.85
N ASN A 106 10.84 5.91 30.13
CA ASN A 106 11.44 4.82 29.30
C ASN A 106 10.41 4.29 28.28
N HIS A 107 10.15 5.13 27.28
CA HIS A 107 9.20 4.92 26.15
C HIS A 107 9.60 5.91 25.05
N LEU A 108 10.09 5.45 23.89
CA LEU A 108 10.40 6.37 22.75
C LEU A 108 9.08 6.98 22.24
N CYS A 109 9.04 8.30 22.03
CA CYS A 109 7.83 9.06 21.63
C CYS A 109 8.14 9.92 20.40
N LEU A 110 7.33 9.74 19.34
CA LEU A 110 7.44 10.48 18.05
C LEU A 110 6.26 11.45 17.91
N VAL A 111 6.47 12.66 17.39
CA VAL A 111 5.42 13.72 17.28
C VAL A 111 5.23 14.09 15.81
N PHE A 112 4.00 13.96 15.31
CA PHE A 112 3.61 14.27 13.93
C PHE A 112 2.47 15.31 13.93
N GLU A 113 2.28 15.95 12.77
CA GLU A 113 1.10 16.77 12.39
C GLU A 113 -0.19 15.95 12.46
N MET A 114 -1.32 16.58 12.78
CA MET A 114 -2.65 15.91 12.80
C MET A 114 -3.17 15.76 11.35
N LEU A 115 -3.79 14.62 11.03
CA LEU A 115 -4.49 14.39 9.74
C LEU A 115 -5.93 13.92 10.04
N SER A 116 -6.70 13.57 8.99
CA SER A 116 -8.11 13.13 9.08
C SER A 116 -8.23 11.60 9.03
N TYR A 117 -9.37 11.07 8.56
CA TYR A 117 -9.68 9.61 8.50
C TYR A 117 -9.01 8.99 7.26
N ASN A 118 -8.93 7.65 7.23
CA ASN A 118 -8.17 6.90 6.18
C ASN A 118 -9.11 6.39 5.08
N LEU A 119 -8.56 5.89 3.96
CA LEU A 119 -9.30 5.49 2.73
C LEU A 119 -10.14 4.22 2.94
N TYR A 120 -9.95 3.51 4.04
CA TYR A 120 -10.79 2.33 4.38
C TYR A 120 -12.14 2.81 4.93
N ASP A 121 -12.11 3.77 5.88
CA ASP A 121 -13.33 4.39 6.46
C ASP A 121 -14.11 4.92 5.27
N LEU A 122 -13.42 5.59 4.34
CA LEU A 122 -14.05 6.22 3.16
C LEU A 122 -14.84 5.16 2.39
N LEU A 123 -14.21 4.02 2.12
CA LEU A 123 -14.82 2.90 1.37
C LEU A 123 -16.05 2.39 2.13
N ARG A 124 -15.97 2.35 3.47
CA ARG A 124 -17.02 1.79 4.38
C ARG A 124 -18.22 2.73 4.44
N ASN A 125 -18.05 4.02 4.16
CA ASN A 125 -19.14 5.04 4.15
C ASN A 125 -19.88 5.05 2.80
N THR A 126 -19.48 4.25 1.81
CA THR A 126 -20.19 4.03 0.51
C THR A 126 -20.94 2.67 0.54
N ASN A 127 -20.93 2.02 1.70
CA ASN A 127 -21.39 0.61 1.88
C ASN A 127 -20.70 -0.30 0.87
N PHE A 128 -19.42 -0.05 0.61
CA PHE A 128 -18.52 -0.84 -0.26
C PHE A 128 -19.05 -0.86 -1.68
N ARG A 129 -19.47 0.30 -2.22
CA ARG A 129 -20.00 0.47 -3.59
C ARG A 129 -18.93 1.17 -4.43
N GLY A 130 -17.99 1.89 -3.79
CA GLY A 130 -16.75 2.45 -4.38
C GLY A 130 -16.87 3.95 -4.64
N VAL A 131 -15.76 4.63 -4.92
CA VAL A 131 -15.75 6.06 -5.38
C VAL A 131 -15.71 6.10 -6.93
N SER A 132 -15.86 7.30 -7.51
CA SER A 132 -15.83 7.57 -8.98
C SER A 132 -14.47 7.26 -9.60
N LEU A 133 -14.45 7.11 -10.92
CA LEU A 133 -13.21 7.00 -11.74
C LEU A 133 -12.40 8.30 -11.64
N ASN A 134 -13.08 9.44 -11.64
CA ASN A 134 -12.44 10.77 -11.61
C ASN A 134 -11.74 10.99 -10.26
N LEU A 135 -12.31 10.49 -9.16
CA LEU A 135 -11.66 10.61 -7.83
C LEU A 135 -10.60 9.52 -7.64
N THR A 136 -10.79 8.35 -8.25
CA THR A 136 -9.76 7.27 -8.31
C THR A 136 -8.49 7.81 -9.01
N ARG A 137 -8.66 8.52 -10.12
CA ARG A 137 -7.54 9.10 -10.91
C ARG A 137 -6.71 10.07 -10.05
N LYS A 138 -7.38 10.92 -9.26
CA LYS A 138 -6.71 11.93 -8.39
C LYS A 138 -5.92 11.24 -7.29
N PHE A 139 -6.35 10.08 -6.81
CA PHE A 139 -5.64 9.35 -5.72
C PHE A 139 -4.38 8.71 -6.31
N ALA A 140 -4.47 8.11 -7.51
CA ALA A 140 -3.38 7.40 -8.22
C ALA A 140 -2.24 8.37 -8.55
N GLN A 141 -2.58 9.55 -9.11
CA GLN A 141 -1.61 10.62 -9.50
C GLN A 141 -0.74 11.02 -8.29
N GLN A 142 -1.37 11.39 -7.18
CA GLN A 142 -0.67 11.76 -5.92
C GLN A 142 0.26 10.61 -5.47
N MET A 143 -0.12 9.34 -5.62
CA MET A 143 0.58 8.18 -5.00
C MET A 143 1.77 7.75 -5.86
N CYS A 144 1.68 7.90 -7.19
CA CYS A 144 2.80 7.64 -8.13
C CYS A 144 3.95 8.62 -7.84
N THR A 145 3.61 9.85 -7.46
CA THR A 145 4.56 10.94 -7.10
C THR A 145 5.34 10.55 -5.84
N ALA A 146 4.68 10.05 -4.80
CA ALA A 146 5.36 9.64 -3.54
C ALA A 146 6.37 8.51 -3.83
N LEU A 147 6.01 7.54 -4.67
CA LEU A 147 6.89 6.39 -5.01
C LEU A 147 8.13 6.89 -5.76
N LEU A 148 7.97 7.89 -6.64
CA LEU A 148 9.09 8.51 -7.40
C LEU A 148 10.03 9.27 -6.44
N PHE A 149 9.54 9.82 -5.32
CA PHE A 149 10.39 10.46 -4.28
C PHE A 149 11.28 9.45 -3.53
N LEU A 150 10.73 8.28 -3.17
CA LEU A 150 11.47 7.23 -2.43
C LEU A 150 12.48 6.53 -3.37
N ALA A 151 12.40 6.75 -4.68
CA ALA A 151 13.32 6.15 -5.68
C ALA A 151 14.60 6.99 -5.81
N THR A 152 14.68 8.09 -5.06
CA THR A 152 15.89 8.97 -5.01
C THR A 152 17.10 8.12 -4.59
N PRO A 153 18.11 8.01 -5.48
CA PRO A 153 19.25 7.13 -5.25
C PRO A 153 19.88 7.30 -3.86
N GLU A 154 19.95 8.52 -3.36
CA GLU A 154 20.55 8.78 -2.02
C GLU A 154 19.57 8.39 -0.90
N LEU A 155 18.34 7.95 -1.26
CA LEU A 155 17.26 7.53 -0.32
C LEU A 155 17.03 6.02 -0.44
N SER A 156 16.45 5.58 -1.57
CA SER A 156 16.17 4.15 -1.92
C SER A 156 15.45 3.44 -0.76
N ILE A 157 14.19 3.84 -0.49
CA ILE A 157 13.37 3.30 0.64
C ILE A 157 12.17 2.48 0.10
N ILE A 158 11.93 1.31 0.73
CA ILE A 158 10.80 0.39 0.48
C ILE A 158 9.83 0.49 1.67
N HIS A 159 8.54 0.75 1.42
CA HIS A 159 7.53 0.96 2.50
C HIS A 159 7.20 -0.37 3.20
N CYS A 160 6.96 -1.40 2.38
CA CYS A 160 6.69 -2.83 2.77
C CYS A 160 5.29 -3.07 3.39
N ASP A 161 4.39 -2.06 3.52
CA ASP A 161 3.05 -2.25 4.14
C ASP A 161 2.05 -1.22 3.59
N LEU A 162 1.95 -1.06 2.26
CA LEU A 162 0.92 -0.22 1.62
C LEU A 162 -0.44 -0.91 1.67
N LYS A 163 -1.50 -0.16 1.97
CA LYS A 163 -2.92 -0.63 2.00
C LYS A 163 -3.82 0.51 2.47
N PRO A 164 -5.14 0.45 2.22
CA PRO A 164 -6.03 1.59 2.49
C PRO A 164 -5.94 2.25 3.87
N GLU A 165 -5.70 1.43 4.90
CA GLU A 165 -5.59 1.83 6.33
C GLU A 165 -4.42 2.80 6.53
N ASN A 166 -3.34 2.65 5.73
CA ASN A 166 -2.09 3.45 5.89
C ASN A 166 -2.06 4.67 4.96
N ILE A 167 -3.21 5.12 4.40
CA ILE A 167 -3.35 6.35 3.54
C ILE A 167 -4.48 7.24 4.10
N LEU A 168 -4.16 8.49 4.49
CA LEU A 168 -5.04 9.45 5.23
C LEU A 168 -5.32 10.76 4.43
N LEU A 169 -6.58 11.22 4.47
CA LEU A 169 -6.99 12.57 4.01
C LEU A 169 -6.30 13.66 4.87
N CYS A 170 -5.89 14.75 4.24
CA CYS A 170 -5.23 15.92 4.87
C CYS A 170 -6.24 16.81 5.62
N ASN A 171 -7.48 16.84 5.12
CA ASN A 171 -8.62 17.71 5.55
C ASN A 171 -9.90 17.03 5.10
N PRO A 172 -10.90 16.82 5.99
CA PRO A 172 -12.14 16.10 5.68
C PRO A 172 -13.02 16.69 4.56
N LYS A 173 -12.84 17.99 4.26
CA LYS A 173 -13.49 18.69 3.11
C LYS A 173 -12.79 18.40 1.76
N ARG A 174 -11.54 17.90 1.71
CA ARG A 174 -10.69 17.89 0.47
C ARG A 174 -10.22 16.47 0.08
N SER A 175 -9.53 16.34 -1.05
CA SER A 175 -9.09 15.04 -1.67
C SER A 175 -7.55 14.89 -1.70
N ALA A 176 -6.82 15.76 -1.01
CA ALA A 176 -5.37 15.59 -0.74
C ALA A 176 -5.13 14.43 0.24
N ILE A 177 -4.08 13.64 0.00
CA ILE A 177 -3.71 12.46 0.85
C ILE A 177 -2.23 12.47 1.24
N LYS A 178 -1.86 11.69 2.27
CA LYS A 178 -0.47 11.41 2.69
C LYS A 178 -0.34 9.98 3.23
N ILE A 179 0.87 9.41 3.14
CA ILE A 179 1.24 8.04 3.59
C ILE A 179 1.83 8.08 5.01
N VAL A 180 1.61 7.03 5.82
CA VAL A 180 2.07 6.87 7.23
C VAL A 180 2.57 5.43 7.48
N ASP A 181 2.91 5.12 8.75
CA ASP A 181 3.35 3.79 9.27
C ASP A 181 4.60 3.33 8.49
N PHE A 182 5.76 3.84 8.89
CA PHE A 182 7.09 3.45 8.36
C PHE A 182 7.73 2.48 9.36
N GLY A 183 6.89 1.65 9.97
CA GLY A 183 7.23 0.63 11.00
C GLY A 183 7.92 -0.60 10.41
N SER A 184 7.70 -0.90 9.12
CA SER A 184 8.24 -2.09 8.42
C SER A 184 9.30 -1.71 7.37
N SER A 185 9.60 -0.40 7.23
CA SER A 185 10.36 0.14 6.08
C SER A 185 11.85 -0.19 6.19
N CYS A 186 12.53 -0.27 5.04
CA CYS A 186 13.96 -0.67 4.98
C CYS A 186 14.60 -0.15 3.68
N GLN A 187 15.91 0.15 3.74
CA GLN A 187 16.69 0.67 2.57
C GLN A 187 17.16 -0.51 1.72
N LEU A 188 17.28 -0.28 0.41
CA LEU A 188 17.69 -1.34 -0.56
C LEU A 188 18.99 -2.01 -0.06
N GLY A 189 18.97 -3.34 0.13
CA GLY A 189 20.13 -4.12 0.59
C GLY A 189 20.32 -4.12 2.11
N GLN A 190 19.29 -3.73 2.89
CA GLN A 190 19.28 -3.82 4.38
C GLN A 190 18.12 -4.71 4.91
N ARG A 191 17.64 -5.69 4.12
CA ARG A 191 16.49 -6.59 4.46
C ARG A 191 16.73 -7.26 5.81
N ILE A 192 15.70 -7.40 6.65
CA ILE A 192 15.77 -8.15 7.94
C ILE A 192 14.95 -9.43 7.85
N TYR A 193 13.70 -9.33 7.42
CA TYR A 193 12.72 -10.44 7.37
C TYR A 193 12.43 -10.81 5.91
N GLN A 194 11.86 -12.01 5.69
CA GLN A 194 11.38 -12.47 4.37
C GLN A 194 9.84 -12.54 4.32
N PTR A 195 9.16 -12.61 5.48
CA PTR A 195 7.71 -12.61 5.56
C PTR A 195 7.21 -11.21 5.83
O PTR A 195 6.94 -10.86 6.98
CB PTR A 195 7.22 -13.54 6.66
CG PTR A 195 5.76 -13.95 6.62
CD1 PTR A 195 4.81 -13.43 7.48
CD2 PTR A 195 5.36 -14.92 5.75
CE1 PTR A 195 3.48 -13.82 7.47
CE2 PTR A 195 4.04 -15.36 5.72
CZ PTR A 195 3.11 -14.79 6.57
OH PTR A 195 1.83 -15.34 6.39
P PTR A 195 0.42 -14.77 6.84
O1P PTR A 195 0.19 -15.47 8.14
O2P PTR A 195 0.44 -13.28 7.01
O3P PTR A 195 -0.64 -15.18 5.86
N ILE A 196 7.14 -10.38 4.79
CA ILE A 196 6.68 -9.00 4.92
C ILE A 196 5.40 -8.81 4.10
N GLN A 197 4.73 -7.65 4.28
CA GLN A 197 3.53 -7.14 3.55
C GLN A 197 2.24 -7.77 4.12
N SER A 198 1.09 -7.14 3.93
CA SER A 198 -0.25 -7.68 4.29
C SER A 198 -0.76 -8.62 3.19
N ARG A 199 -1.25 -9.81 3.58
CA ARG A 199 -1.52 -10.96 2.66
C ARG A 199 -2.25 -10.47 1.38
N PHE A 200 -3.33 -9.70 1.48
CA PHE A 200 -4.12 -9.27 0.29
C PHE A 200 -3.25 -8.47 -0.70
N TYR A 201 -2.24 -7.75 -0.20
CA TYR A 201 -1.41 -6.82 -1.01
C TYR A 201 0.03 -7.36 -1.18
N ARG A 202 0.28 -8.63 -0.85
CA ARG A 202 1.61 -9.31 -1.01
C ARG A 202 1.85 -9.59 -2.50
N SER A 203 3.09 -9.38 -2.95
CA SER A 203 3.58 -9.55 -4.34
C SER A 203 4.01 -11.00 -4.57
N PRO A 204 4.04 -11.49 -5.85
CA PRO A 204 4.47 -12.84 -6.22
C PRO A 204 5.92 -13.23 -5.86
N GLU A 205 6.89 -12.32 -5.98
CA GLU A 205 8.30 -12.60 -5.57
C GLU A 205 8.37 -12.92 -4.05
N VAL A 206 7.62 -12.23 -3.19
CA VAL A 206 7.71 -12.46 -1.72
C VAL A 206 6.99 -13.77 -1.39
N LEU A 207 5.97 -14.16 -2.17
CA LEU A 207 5.25 -15.46 -2.00
C LEU A 207 6.21 -16.60 -2.35
N LEU A 208 7.08 -16.39 -3.35
CA LEU A 208 8.03 -17.41 -3.90
C LEU A 208 9.37 -17.38 -3.14
N GLY A 209 9.46 -16.60 -2.04
CA GLY A 209 10.65 -16.50 -1.20
C GLY A 209 11.88 -16.02 -1.94
N MET A 210 11.76 -15.11 -2.92
CA MET A 210 12.93 -14.47 -3.61
C MET A 210 13.23 -13.15 -2.90
N PRO A 211 14.44 -12.59 -3.17
CA PRO A 211 14.84 -11.31 -2.60
C PRO A 211 14.07 -10.14 -3.25
N TYR A 212 13.89 -9.03 -2.53
CA TYR A 212 12.94 -7.98 -2.98
C TYR A 212 13.65 -6.62 -3.07
N ASP A 213 13.26 -5.85 -4.11
CA ASP A 213 13.64 -4.41 -4.30
C ASP A 213 12.38 -3.51 -4.20
N LEU A 214 12.41 -2.32 -4.83
CA LEU A 214 11.37 -1.27 -4.63
C LEU A 214 10.07 -1.62 -5.38
N ALA A 215 10.06 -2.63 -6.25
CA ALA A 215 8.96 -2.89 -7.21
C ALA A 215 7.76 -3.52 -6.51
N ILE A 216 7.94 -3.97 -5.28
CA ILE A 216 6.88 -4.69 -4.52
C ILE A 216 5.81 -3.67 -4.09
N ASP A 217 6.17 -2.39 -3.94
CA ASP A 217 5.26 -1.29 -3.49
C ASP A 217 4.37 -0.90 -4.66
N MET A 218 4.81 -1.12 -5.91
CA MET A 218 4.05 -0.74 -7.15
C MET A 218 3.03 -1.82 -7.44
N TRP A 219 3.33 -3.09 -7.11
CA TRP A 219 2.35 -4.22 -7.13
C TRP A 219 1.16 -3.90 -6.20
N SER A 220 1.42 -3.51 -4.95
CA SER A 220 0.42 -3.14 -3.92
C SER A 220 -0.50 -2.02 -4.46
N LEU A 221 0.07 -1.01 -5.14
CA LEU A 221 -0.72 0.17 -5.60
C LEU A 221 -1.79 -0.31 -6.58
N GLY A 222 -1.41 -1.14 -7.56
CA GLY A 222 -2.35 -1.75 -8.52
C GLY A 222 -3.56 -2.31 -7.80
N CYS A 223 -3.28 -3.20 -6.84
CA CYS A 223 -4.31 -3.92 -6.07
C CYS A 223 -5.21 -2.92 -5.37
N ILE A 224 -4.64 -1.87 -4.77
CA ILE A 224 -5.38 -0.82 -4.01
C ILE A 224 -6.33 -0.02 -4.92
N LEU A 225 -5.87 0.41 -6.11
CA LEU A 225 -6.62 1.36 -7.00
C LEU A 225 -7.90 0.72 -7.54
N VAL A 226 -7.80 -0.50 -8.09
CA VAL A 226 -8.96 -1.35 -8.53
C VAL A 226 -10.02 -1.37 -7.41
N GLU A 227 -9.64 -1.66 -6.16
CA GLU A 227 -10.57 -1.86 -5.01
C GLU A 227 -11.23 -0.53 -4.63
N MET A 228 -10.66 0.60 -4.95
CA MET A 228 -11.25 1.89 -4.50
C MET A 228 -12.41 2.24 -5.42
N HIS A 229 -12.46 1.65 -6.61
CA HIS A 229 -13.55 1.85 -7.60
C HIS A 229 -14.62 0.75 -7.52
N THR A 230 -14.29 -0.49 -7.17
CA THR A 230 -15.26 -1.62 -7.14
C THR A 230 -15.85 -1.75 -5.73
N GLY A 231 -15.09 -1.44 -4.68
CA GLY A 231 -15.59 -1.50 -3.30
C GLY A 231 -15.03 -2.70 -2.55
N GLU A 232 -14.66 -3.79 -3.25
CA GLU A 232 -14.11 -5.05 -2.66
C GLU A 232 -12.66 -5.31 -3.12
N PRO A 233 -11.84 -6.03 -2.33
CA PRO A 233 -10.47 -6.35 -2.72
C PRO A 233 -10.37 -7.13 -4.04
N LEU A 234 -9.27 -6.96 -4.79
CA LEU A 234 -8.96 -7.75 -6.01
C LEU A 234 -8.58 -9.20 -5.64
N PHE A 235 -7.67 -9.47 -4.69
CA PHE A 235 -7.17 -10.85 -4.40
C PHE A 235 -7.25 -11.16 -2.89
N SER A 236 -8.40 -11.66 -2.42
CA SER A 236 -8.67 -11.83 -0.96
C SER A 236 -8.41 -13.28 -0.52
N GLY A 237 -7.15 -13.61 -0.29
CA GLY A 237 -6.73 -14.97 0.13
C GLY A 237 -6.85 -15.15 1.63
N ALA A 238 -7.26 -16.34 2.06
CA ALA A 238 -7.38 -16.74 3.49
C ALA A 238 -6.05 -17.32 4.00
N ASN A 239 -5.14 -17.65 3.10
CA ASN A 239 -3.77 -18.17 3.40
C ASN A 239 -2.88 -18.08 2.15
N GLU A 240 -1.57 -18.35 2.29
CA GLU A 240 -0.58 -18.14 1.21
C GLU A 240 -0.98 -18.95 -0.03
N VAL A 241 -1.46 -20.20 0.12
CA VAL A 241 -1.76 -21.10 -1.05
C VAL A 241 -3.02 -20.57 -1.74
N ASP A 242 -4.03 -20.16 -0.95
CA ASP A 242 -5.31 -19.54 -1.42
C ASP A 242 -5.02 -18.27 -2.23
N GLN A 243 -4.10 -17.44 -1.73
CA GLN A 243 -3.77 -16.11 -2.30
C GLN A 243 -3.24 -16.31 -3.72
N MET A 244 -2.29 -17.24 -3.90
CA MET A 244 -1.61 -17.44 -5.22
C MET A 244 -2.64 -17.94 -6.24
N ASN A 245 -3.57 -18.80 -5.82
CA ASN A 245 -4.57 -19.40 -6.73
C ASN A 245 -5.53 -18.32 -7.28
N LYS A 246 -5.90 -17.33 -6.45
CA LYS A 246 -6.80 -16.21 -6.84
C LYS A 246 -6.06 -15.23 -7.75
N ILE A 247 -4.75 -15.38 -7.91
CA ILE A 247 -3.91 -14.51 -8.80
C ILE A 247 -3.72 -15.21 -10.15
N VAL A 248 -3.64 -16.55 -10.14
CA VAL A 248 -3.49 -17.38 -11.38
C VAL A 248 -4.83 -17.37 -12.15
N GLU A 249 -5.96 -17.23 -11.42
CA GLU A 249 -7.35 -17.12 -11.98
C GLU A 249 -7.43 -15.98 -12.99
N VAL A 250 -6.69 -14.90 -12.75
CA VAL A 250 -6.79 -13.62 -13.50
C VAL A 250 -5.62 -13.50 -14.49
N LEU A 251 -4.41 -13.90 -14.10
CA LEU A 251 -3.17 -13.56 -14.84
C LEU A 251 -2.46 -14.81 -15.36
N GLY A 252 -2.96 -16.01 -15.08
CA GLY A 252 -2.42 -17.29 -15.58
C GLY A 252 -1.11 -17.71 -14.88
N ILE A 253 -0.47 -18.72 -15.44
CA ILE A 253 0.78 -19.33 -14.88
C ILE A 253 1.92 -18.38 -15.14
N PRO A 254 2.82 -18.16 -14.16
CA PRO A 254 3.94 -17.24 -14.33
C PRO A 254 5.04 -17.70 -15.30
N PRO A 255 5.86 -16.77 -15.83
CA PRO A 255 6.90 -17.09 -16.80
C PRO A 255 7.94 -18.07 -16.22
N ALA A 256 8.25 -19.10 -17.02
CA ALA A 256 9.10 -20.25 -16.65
C ALA A 256 10.43 -19.78 -16.06
N HIS A 257 11.10 -18.84 -16.76
CA HIS A 257 12.41 -18.29 -16.36
C HIS A 257 12.37 -17.79 -14.90
N ILE A 258 11.19 -17.45 -14.38
CA ILE A 258 11.05 -16.89 -13.00
C ILE A 258 10.96 -18.02 -11.98
N LEU A 259 10.24 -19.11 -12.29
CA LEU A 259 9.94 -20.19 -11.31
C LEU A 259 11.20 -21.03 -11.12
N ASP A 260 12.08 -20.99 -12.12
CA ASP A 260 13.35 -21.77 -12.15
C ASP A 260 14.39 -21.19 -11.22
N GLN A 261 14.16 -20.00 -10.66
CA GLN A 261 15.07 -19.35 -9.68
C GLN A 261 14.43 -19.29 -8.29
N ALA A 262 13.11 -19.53 -8.20
CA ALA A 262 12.33 -19.23 -6.98
C ALA A 262 12.39 -20.42 -6.02
N PRO A 263 12.97 -20.23 -4.82
CA PRO A 263 13.08 -21.27 -3.80
C PRO A 263 11.80 -21.99 -3.33
N LYS A 264 10.63 -21.39 -3.48
CA LYS A 264 9.37 -21.95 -2.94
C LYS A 264 8.38 -22.15 -4.09
N ALA A 265 8.91 -22.41 -5.28
CA ALA A 265 8.11 -22.62 -6.49
C ALA A 265 7.34 -23.93 -6.38
N ARG A 266 7.83 -24.91 -5.61
CA ARG A 266 7.20 -26.25 -5.48
C ARG A 266 6.25 -26.28 -4.28
N LYS A 267 5.90 -25.12 -3.71
CA LYS A 267 4.78 -24.99 -2.73
C LYS A 267 3.47 -24.79 -3.51
N PHE A 268 3.55 -24.43 -4.79
CA PHE A 268 2.39 -24.02 -5.62
C PHE A 268 2.34 -24.79 -6.96
N PHE A 269 3.49 -25.15 -7.57
CA PHE A 269 3.59 -25.71 -8.96
C PHE A 269 4.39 -27.03 -9.03
N GLU A 270 4.52 -27.58 -10.26
CA GLU A 270 5.25 -28.84 -10.61
C GLU A 270 5.96 -28.63 -11.95
N LYS A 271 7.17 -29.20 -12.14
CA LYS A 271 7.99 -29.12 -13.40
C LYS A 271 7.74 -30.39 -14.23
N LEU A 272 7.67 -30.27 -15.56
CA LEU A 272 7.32 -31.40 -16.48
C LEU A 272 8.54 -31.81 -17.31
N PRO A 273 8.56 -33.05 -17.85
CA PRO A 273 9.76 -33.57 -18.52
C PRO A 273 10.32 -32.64 -19.62
N ASP A 274 9.44 -32.09 -20.47
CA ASP A 274 9.79 -31.07 -21.52
C ASP A 274 10.29 -29.78 -20.85
N GLY A 275 9.74 -29.40 -19.69
CA GLY A 275 10.18 -28.24 -18.90
C GLY A 275 9.14 -27.12 -18.82
N THR A 276 7.87 -27.48 -18.67
CA THR A 276 6.72 -26.54 -18.53
C THR A 276 6.16 -26.72 -17.13
N TRP A 277 5.53 -25.71 -16.51
CA TRP A 277 4.96 -25.84 -15.15
C TRP A 277 3.43 -25.87 -15.19
N ASN A 278 2.81 -26.42 -14.13
CA ASN A 278 1.34 -26.47 -13.96
C ASN A 278 1.00 -26.29 -12.49
N LEU A 279 -0.27 -26.02 -12.19
CA LEU A 279 -0.67 -25.92 -10.77
C LEU A 279 -0.64 -27.32 -10.17
N LYS A 280 -0.58 -27.40 -8.85
CA LYS A 280 -0.60 -28.68 -8.08
C LYS A 280 -2.04 -29.20 -7.92
N LYS A 281 -2.20 -30.46 -7.45
CA LYS A 281 -3.45 -31.15 -7.02
C LYS A 281 -4.15 -30.40 -5.86
N THR A 282 -5.43 -30.68 -5.55
CA THR A 282 -6.16 -30.17 -4.35
C THR A 282 -7.51 -30.90 -4.20
N LYS A 283 -7.88 -31.32 -2.98
CA LYS A 283 -9.22 -31.91 -2.71
C LYS A 283 -10.29 -30.82 -2.95
N ASP A 284 -10.98 -30.90 -4.08
CA ASP A 284 -12.15 -30.04 -4.45
C ASP A 284 -13.09 -29.87 -3.26
N ARG A 287 -15.16 -26.55 -3.85
CA ARG A 287 -16.21 -26.05 -4.77
C ARG A 287 -15.77 -24.73 -5.46
N GLU A 288 -14.48 -24.58 -5.85
CA GLU A 288 -13.89 -23.26 -6.26
C GLU A 288 -12.76 -23.41 -7.32
N TYR A 289 -12.27 -22.24 -7.81
CA TYR A 289 -11.09 -21.97 -8.70
C TYR A 289 -11.41 -22.23 -10.18
N LYS A 290 -11.51 -21.17 -11.00
CA LYS A 290 -11.70 -21.19 -12.48
C LYS A 290 -10.40 -21.55 -13.16
N PRO A 291 -10.35 -21.79 -14.48
CA PRO A 291 -9.08 -22.12 -15.13
C PRO A 291 -8.18 -20.90 -15.31
N PRO A 292 -6.84 -21.12 -15.23
CA PRO A 292 -5.84 -20.06 -15.40
C PRO A 292 -6.14 -19.00 -16.45
N GLY A 293 -6.09 -17.73 -16.07
CA GLY A 293 -6.18 -16.58 -16.99
C GLY A 293 -7.56 -16.42 -17.61
N THR A 294 -8.63 -16.96 -17.03
CA THR A 294 -10.00 -16.86 -17.61
C THR A 294 -10.89 -15.90 -16.83
N ARG A 295 -10.41 -15.28 -15.74
CA ARG A 295 -11.21 -14.29 -14.96
C ARG A 295 -10.74 -12.88 -15.38
N LYS A 296 -10.96 -12.53 -16.65
CA LYS A 296 -10.37 -11.33 -17.31
C LYS A 296 -10.82 -10.07 -16.53
N LEU A 297 -9.85 -9.20 -16.25
CA LEU A 297 -10.07 -7.87 -15.62
C LEU A 297 -11.16 -7.12 -16.39
N HIS A 298 -11.20 -7.30 -17.71
CA HIS A 298 -12.24 -6.76 -18.64
C HIS A 298 -13.63 -6.71 -17.97
N ASN A 299 -14.06 -7.78 -17.30
CA ASN A 299 -15.42 -7.91 -16.69
C ASN A 299 -15.40 -7.47 -15.23
N ILE A 300 -14.23 -7.48 -14.58
CA ILE A 300 -14.11 -7.06 -13.15
C ILE A 300 -14.35 -5.56 -13.07
N LEU A 301 -14.00 -4.83 -14.12
CA LEU A 301 -14.21 -3.36 -14.22
C LEU A 301 -15.58 -3.05 -14.83
N GLY A 302 -16.15 -3.96 -15.64
CA GLY A 302 -17.36 -3.67 -16.44
C GLY A 302 -17.12 -2.58 -17.47
N VAL A 303 -16.11 -2.77 -18.34
CA VAL A 303 -15.68 -1.76 -19.35
C VAL A 303 -16.82 -1.55 -20.36
N GLU A 304 -17.18 -2.57 -21.13
CA GLU A 304 -18.22 -2.47 -22.19
C GLU A 304 -19.64 -2.68 -21.61
N THR A 305 -19.82 -2.73 -20.28
CA THR A 305 -21.11 -3.14 -19.64
C THR A 305 -21.55 -2.10 -18.58
N GLY A 306 -20.97 -0.90 -18.64
CA GLY A 306 -21.41 0.29 -17.88
C GLY A 306 -20.84 0.39 -16.47
N GLY A 307 -19.64 -0.16 -16.22
CA GLY A 307 -18.98 -0.10 -14.90
C GLY A 307 -19.31 -1.29 -14.01
N PRO A 308 -18.72 -1.35 -12.78
CA PRO A 308 -19.04 -2.40 -11.81
C PRO A 308 -20.55 -2.48 -11.51
N GLY A 309 -21.12 -3.68 -11.58
CA GLY A 309 -22.58 -3.95 -11.51
C GLY A 309 -23.37 -3.02 -12.43
N GLY A 310 -22.74 -2.55 -13.52
CA GLY A 310 -23.31 -1.51 -14.41
C GLY A 310 -23.95 -0.36 -13.65
N ARG A 311 -23.37 0.06 -12.52
CA ARG A 311 -23.94 1.08 -11.60
C ARG A 311 -23.71 2.49 -12.15
N ARG A 312 -22.72 2.65 -13.02
CA ARG A 312 -22.40 3.94 -13.69
C ARG A 312 -23.40 4.15 -14.82
N ALA A 313 -23.23 3.47 -15.95
CA ALA A 313 -24.11 3.60 -17.13
C ALA A 313 -24.32 5.10 -17.45
N GLY A 314 -25.44 5.68 -16.97
CA GLY A 314 -25.81 7.10 -17.19
C GLY A 314 -24.64 8.04 -16.94
N GLU A 315 -23.94 7.86 -15.82
CA GLU A 315 -22.87 8.74 -15.29
C GLU A 315 -21.87 9.15 -16.38
N SER A 316 -21.52 10.44 -16.44
CA SER A 316 -20.57 10.99 -17.45
C SER A 316 -19.14 10.94 -16.90
N GLY A 317 -18.16 10.71 -17.78
CA GLY A 317 -16.75 10.54 -17.39
C GLY A 317 -16.37 9.07 -17.35
N HIS A 318 -17.37 8.19 -17.45
CA HIS A 318 -17.22 6.71 -17.40
C HIS A 318 -17.52 6.16 -18.80
N THR A 319 -16.90 6.75 -19.84
CA THR A 319 -17.03 6.33 -21.27
C THR A 319 -16.13 5.11 -21.51
N VAL A 320 -16.35 4.33 -22.58
CA VAL A 320 -15.55 3.08 -22.82
C VAL A 320 -14.08 3.46 -23.09
N ALA A 321 -13.82 4.57 -23.78
CA ALA A 321 -12.48 5.03 -24.20
C ALA A 321 -11.61 5.37 -22.98
N ASP A 322 -12.22 5.85 -21.89
CA ASP A 322 -11.53 6.19 -20.61
C ASP A 322 -11.29 4.92 -19.78
N TYR A 323 -12.08 3.87 -20.01
CA TYR A 323 -12.02 2.58 -19.26
C TYR A 323 -10.82 1.78 -19.76
N LEU A 324 -10.49 1.88 -21.04
CA LEU A 324 -9.42 1.06 -21.66
C LEU A 324 -8.05 1.58 -21.21
N LYS A 325 -7.98 2.89 -20.88
CA LYS A 325 -6.74 3.55 -20.43
C LYS A 325 -6.46 3.14 -18.98
N PHE A 326 -7.51 2.98 -18.16
CA PHE A 326 -7.40 2.46 -16.76
C PHE A 326 -6.89 1.01 -16.81
N LYS A 327 -7.58 0.14 -17.58
CA LYS A 327 -7.24 -1.28 -17.80
C LYS A 327 -5.76 -1.43 -18.18
N ASP A 328 -5.31 -0.70 -19.20
CA ASP A 328 -3.92 -0.78 -19.70
C ASP A 328 -2.92 -0.46 -18.57
N LEU A 329 -3.18 0.57 -17.76
CA LEU A 329 -2.20 1.05 -16.74
C LEU A 329 -2.13 0.05 -15.58
N ILE A 330 -3.27 -0.51 -15.15
CA ILE A 330 -3.35 -1.52 -14.03
C ILE A 330 -2.51 -2.72 -14.45
N LEU A 331 -2.62 -3.16 -15.71
CA LEU A 331 -1.99 -4.41 -16.17
C LEU A 331 -0.47 -4.24 -16.32
N ARG A 332 0.00 -3.01 -16.37
CA ARG A 332 1.45 -2.68 -16.39
C ARG A 332 1.99 -2.75 -14.96
N MET A 333 1.14 -2.47 -13.97
CA MET A 333 1.49 -2.54 -12.52
C MET A 333 1.52 -4.04 -12.06
N LEU A 334 0.74 -4.95 -12.66
CA LEU A 334 0.64 -6.39 -12.26
C LEU A 334 1.45 -7.35 -13.21
N ASP A 335 2.60 -6.89 -13.70
CA ASP A 335 3.59 -7.73 -14.41
C ASP A 335 4.23 -8.70 -13.39
N TYR A 336 4.35 -9.98 -13.71
CA TYR A 336 5.09 -10.95 -12.86
C TYR A 336 6.56 -10.50 -12.79
N ASP A 337 7.19 -10.21 -13.92
CA ASP A 337 8.65 -9.90 -13.95
C ASP A 337 8.87 -8.53 -13.34
N PRO A 338 9.56 -8.43 -12.19
CA PRO A 338 9.80 -7.14 -11.53
C PRO A 338 10.89 -6.27 -12.20
N LYS A 339 11.70 -6.85 -13.06
CA LYS A 339 12.71 -6.09 -13.84
C LYS A 339 11.96 -5.30 -14.92
N THR A 340 10.83 -5.80 -15.44
CA THR A 340 10.14 -5.19 -16.60
C THR A 340 8.85 -4.47 -16.18
N ARG A 341 8.51 -4.48 -14.88
CA ARG A 341 7.28 -3.82 -14.33
C ARG A 341 7.45 -2.29 -14.46
N ILE A 342 6.36 -1.55 -14.56
CA ILE A 342 6.37 -0.06 -14.77
C ILE A 342 6.92 0.64 -13.51
N GLN A 343 7.55 1.81 -13.68
CA GLN A 343 8.23 2.58 -12.59
C GLN A 343 7.54 3.93 -12.42
N PRO A 344 7.70 4.62 -11.26
CA PRO A 344 6.92 5.82 -10.94
C PRO A 344 6.85 6.90 -12.04
N TYR A 345 8.02 7.29 -12.59
CA TYR A 345 8.17 8.36 -13.62
C TYR A 345 7.33 8.01 -14.86
N TYR A 346 7.51 6.82 -15.42
CA TYR A 346 6.87 6.43 -16.71
C TYR A 346 5.36 6.28 -16.53
N ALA A 347 4.89 5.98 -15.32
CA ALA A 347 3.45 5.86 -14.97
C ALA A 347 2.80 7.24 -14.94
N LEU A 348 3.48 8.28 -14.43
CA LEU A 348 3.00 9.69 -14.44
C LEU A 348 2.81 10.22 -15.90
N GLN A 349 3.43 9.58 -16.91
CA GLN A 349 3.35 10.01 -18.33
C GLN A 349 2.34 9.13 -19.11
N HIS A 350 1.49 8.37 -18.44
CA HIS A 350 0.57 7.45 -19.14
C HIS A 350 -0.60 8.26 -19.70
N SER A 351 -1.29 7.71 -20.71
CA SER A 351 -2.40 8.36 -21.44
C SER A 351 -3.56 8.61 -20.49
N PHE A 352 -3.64 7.89 -19.38
CA PHE A 352 -4.78 7.96 -18.41
C PHE A 352 -4.71 9.30 -17.69
N PHE A 353 -3.52 9.87 -17.54
CA PHE A 353 -3.32 11.16 -16.85
C PHE A 353 -3.40 12.31 -17.86
N LYS A 354 -3.58 12.02 -19.15
CA LYS A 354 -3.50 13.07 -20.22
C LYS A 354 -4.87 13.75 -20.38
N LYS A 355 -4.85 15.07 -20.64
CA LYS A 355 -6.01 15.99 -20.56
C LYS A 355 -6.76 15.99 -21.88
C1 QYE B . -3.65 11.16 12.70
N1 QYE B . -4.88 11.66 12.87
S1 QYE B . -1.83 7.69 13.09
C2 QYE B . -1.45 11.58 12.05
N2 QYE B . -2.70 12.01 12.24
C3 QYE B . -1.06 10.28 12.27
C4 QYE B . -2.02 9.37 12.72
C5 QYE B . -3.33 9.81 12.95
C6 QYE B . -4.16 8.73 13.41
C7 QYE B . -3.46 7.58 13.63
CL1 QYE B . 0.58 9.78 11.96
#